data_5TZU
#
_entry.id   5TZU
#
_cell.length_a   161.763
_cell.length_b   54.527
_cell.length_c   83.494
_cell.angle_alpha   90.00
_cell.angle_beta   95.89
_cell.angle_gamma   90.00
#
_symmetry.space_group_name_H-M   'C 1 2 1'
#
loop_
_entity.id
_entity.type
_entity.pdbx_description
1 polymer 'Light Chain of Fab B6H12.2'
2 polymer 'Heavy Chain of Fab B6H12.2'
3 polymer 'Leukocyte surface antigen CD47'
4 branched 2-acetamido-2-deoxy-beta-D-glucopyranose-(1-4)-2-acetamido-2-deoxy-beta-D-glucopyranose
5 branched alpha-D-mannopyranose-(1-3)-[alpha-D-mannopyranose-(1-6)]beta-D-mannopyranose-(1-4)-2-acetamido-2-deoxy-beta-D-glucopyranose-(1-4)-2-acetamido-2-deoxy-beta-D-glucopyranose
6 branched beta-D-mannopyranose-(1-4)-2-acetamido-2-deoxy-beta-D-glucopyranose-(1-4)-2-acetamido-2-deoxy-beta-D-glucopyranose
7 non-polymer 'SULFATE ION'
8 non-polymer 'ACETATE ION'
9 non-polymer 2-acetamido-2-deoxy-beta-D-glucopyranose
10 non-polymer GLYCEROL
11 water water
#
loop_
_entity_poly.entity_id
_entity_poly.type
_entity_poly.pdbx_seq_one_letter_code
_entity_poly.pdbx_strand_id
1 'polypeptide(L)'
;DIVMTQSPATLSVTPGDRVSLSCRASQTISDYLHWYQQKSHESPRLLIKFASQSISGIPSRFSGSGSGSDFTLSINSVEP
EDVGVYYCQNGHGFPRTFGGGTKLEIKRTVAAPSVFIFPPSDEQLKSGTASVVCLLNNFYPREAKVQWKVDNALQSGNSQ
ESVTEQDSKDSTYSLSSTLTLSKADYEKHKVYACEVTHQGLSSPVTKSFNRGEC
;
L
2 'polypeptide(L)'
;EVKLVESGGDLVKPGGSLKLSCAASGFTFSGYGMSWVRQTPDKRLEWVATITSGGTYTYYPDSVKGRFTISRDNAKNTLY
LQIDSLKSEDTAIYFCARSLAGNAMDYWGQGTSVTVSSASTKGPSVFPLAPSSKSTSGGTAALGCLVKDYFPEPVTVSWN
SGALTSGVHTFPAVLQSSGLYSLSSVVTVPSSSLGTQTYICNVNHKPSNTKVDKKVEPKSCHHHHHH
;
H
3 'polypeptide(L)'
;QLLFNKTKSVEFTFGNDTVVIPCFVTNMEAQNTTEVYVKWKFKGRDIYTFDGALNKSTVPTDFSSAKIEVSQLLKGDASL
KMDKSDAVSHTGNYTCEVTELTREGETIIELKYRVVSWFSPNEHHHHHH
;
C
#
loop_
_chem_comp.id
_chem_comp.type
_chem_comp.name
_chem_comp.formula
ACT non-polymer 'ACETATE ION' 'C2 H3 O2 -1'
BMA D-saccharide, beta linking beta-D-mannopyranose 'C6 H12 O6'
GOL non-polymer GLYCEROL 'C3 H8 O3'
MAN D-saccharide, alpha linking alpha-D-mannopyranose 'C6 H12 O6'
NAG D-saccharide, beta linking 2-acetamido-2-deoxy-beta-D-glucopyranose 'C8 H15 N O6'
SO4 non-polymer 'SULFATE ION' 'O4 S -2'
#
# COMPACT_ATOMS: atom_id res chain seq x y z
N ASP A 1 19.66 9.67 5.21
CA ASP A 1 18.35 10.11 5.65
C ASP A 1 17.60 10.82 4.52
N ILE A 2 17.47 10.13 3.38
CA ILE A 2 16.81 10.72 2.22
C ILE A 2 15.32 10.89 2.50
N VAL A 3 14.77 12.00 2.02
CA VAL A 3 13.37 12.34 2.20
C VAL A 3 12.69 12.38 0.84
N MET A 4 11.56 11.66 0.73
CA MET A 4 10.77 11.59 -0.48
C MET A 4 9.46 12.33 -0.23
N THR A 5 9.19 13.36 -1.03
CA THR A 5 8.03 14.22 -0.82
C THR A 5 7.06 14.05 -1.98
N GLN A 6 5.79 13.81 -1.65
CA GLN A 6 4.70 13.72 -2.60
C GLN A 6 3.70 14.82 -2.26
N SER A 7 3.44 15.69 -3.23
CA SER A 7 2.55 16.83 -3.03
C SER A 7 1.69 17.04 -4.28
N PRO A 8 0.38 17.24 -4.10
CA PRO A 8 -0.31 17.28 -2.80
C PRO A 8 -0.60 15.88 -2.27
N ALA A 9 -1.06 15.80 -1.02
CA ALA A 9 -1.39 14.50 -0.45
C ALA A 9 -2.66 13.91 -1.06
N THR A 10 -3.57 14.77 -1.51
CA THR A 10 -4.82 14.34 -2.12
C THR A 10 -5.05 15.11 -3.40
N LEU A 11 -5.49 14.41 -4.44
CA LEU A 11 -5.67 15.02 -5.76
C LEU A 11 -6.98 14.52 -6.37
N SER A 12 -7.96 15.41 -6.52
CA SER A 12 -9.23 15.09 -7.14
C SER A 12 -9.18 15.46 -8.63
N VAL A 13 -9.50 14.50 -9.50
CA VAL A 13 -9.38 14.68 -10.94
C VAL A 13 -10.64 14.17 -11.64
N THR A 14 -10.75 14.51 -12.93
CA THR A 14 -11.88 14.27 -13.81
C THR A 14 -11.59 13.10 -14.72
N PRO A 15 -12.50 12.13 -14.84
CA PRO A 15 -12.27 11.02 -15.77
C PRO A 15 -11.99 11.52 -17.17
N GLY A 16 -10.96 10.95 -17.80
CA GLY A 16 -10.48 11.43 -19.07
C GLY A 16 -9.34 12.41 -19.00
N ASP A 17 -9.13 13.05 -17.83
CA ASP A 17 -7.96 13.92 -17.65
C ASP A 17 -6.67 13.15 -17.89
N ARG A 18 -5.67 13.87 -18.39
CA ARG A 18 -4.28 13.41 -18.32
C ARG A 18 -3.72 13.94 -17.01
N VAL A 19 -3.50 13.04 -16.05
CA VAL A 19 -3.12 13.40 -14.68
C VAL A 19 -1.61 13.27 -14.53
N SER A 20 -1.02 14.20 -13.77
CA SER A 20 0.38 14.12 -13.38
C SER A 20 0.49 14.12 -11.86
N LEU A 21 1.23 13.17 -11.31
CA LEU A 21 1.52 13.08 -9.89
C LEU A 21 3.00 13.38 -9.66
N SER A 22 3.28 14.11 -8.58
CA SER A 22 4.63 14.61 -8.32
C SER A 22 5.32 13.81 -7.23
N CYS A 23 6.63 13.65 -7.38
CA CYS A 23 7.49 13.11 -6.34
C CYS A 23 8.80 13.88 -6.36
N ARG A 24 9.28 14.27 -5.18
CA ARG A 24 10.50 15.04 -5.04
C ARG A 24 11.45 14.32 -4.09
N ALA A 25 12.73 14.30 -4.43
CA ALA A 25 13.75 13.66 -3.60
C ALA A 25 14.64 14.71 -2.96
N SER A 26 14.98 14.49 -1.68
CA SER A 26 15.85 15.43 -0.98
C SER A 26 17.27 15.42 -1.51
N GLN A 27 17.59 14.53 -2.45
CA GLN A 27 18.93 14.48 -3.04
C GLN A 27 18.82 13.83 -4.41
N THR A 28 19.87 13.97 -5.20
CA THR A 28 19.90 13.41 -6.55
C THR A 28 19.88 11.89 -6.48
N ILE A 29 18.95 11.27 -7.21
CA ILE A 29 18.89 9.82 -7.31
C ILE A 29 18.79 9.39 -8.77
N SER A 30 19.17 10.28 -9.69
CA SER A 30 19.19 10.03 -11.14
C SER A 30 17.82 9.48 -11.53
N ASP A 31 17.73 8.35 -12.26
CA ASP A 31 16.44 7.75 -12.60
C ASP A 31 16.10 6.55 -11.73
N TYR A 32 16.68 6.43 -10.53
CA TYR A 32 16.42 5.28 -9.68
C TYR A 32 15.28 5.61 -8.74
N LEU A 33 14.07 5.50 -9.28
CA LEU A 33 12.85 5.90 -8.57
C LEU A 33 11.72 5.03 -9.09
N HIS A 34 10.92 4.47 -8.17
CA HIS A 34 9.87 3.53 -8.53
C HIS A 34 8.52 4.04 -8.06
N TRP A 35 7.46 3.63 -8.76
CA TRP A 35 6.09 4.04 -8.48
C TRP A 35 5.21 2.82 -8.19
N TYR A 36 4.36 2.95 -7.17
CA TYR A 36 3.44 1.88 -6.78
C TYR A 36 2.03 2.45 -6.68
N GLN A 37 1.01 1.63 -6.96
CA GLN A 37 -0.35 2.00 -6.58
C GLN A 37 -0.91 1.00 -5.59
N GLN A 38 -1.64 1.50 -4.62
CA GLN A 38 -2.35 0.66 -3.67
C GLN A 38 -3.81 1.04 -3.68
N LYS A 39 -4.65 0.18 -4.25
CA LYS A 39 -6.08 0.37 -4.14
C LYS A 39 -6.55 -0.02 -2.76
N SER A 40 -7.73 0.47 -2.39
CA SER A 40 -8.25 0.19 -1.05
C SER A 40 -8.43 -1.30 -0.85
N HIS A 41 -7.99 -1.79 0.31
CA HIS A 41 -8.06 -3.20 0.69
C HIS A 41 -7.18 -4.10 -0.17
N GLU A 42 -6.15 -3.54 -0.79
CA GLU A 42 -5.17 -4.32 -1.54
C GLU A 42 -3.77 -3.97 -1.04
N SER A 43 -2.81 -4.79 -1.44
CA SER A 43 -1.42 -4.48 -1.24
C SER A 43 -0.91 -3.64 -2.40
N PRO A 44 0.18 -2.91 -2.21
CA PRO A 44 0.72 -2.12 -3.33
C PRO A 44 1.15 -3.03 -4.48
N ARG A 45 1.16 -2.45 -5.68
CA ARG A 45 1.75 -3.13 -6.82
C ARG A 45 2.61 -2.15 -7.60
N LEU A 46 3.70 -2.69 -8.15
CA LEU A 46 4.66 -1.88 -8.89
C LEU A 46 4.09 -1.44 -10.23
N LEU A 47 4.05 -0.12 -10.45
CA LEU A 47 3.58 0.44 -11.72
C LEU A 47 4.74 0.73 -12.66
N ILE A 48 5.76 1.42 -12.16
CA ILE A 48 6.89 1.89 -12.95
C ILE A 48 8.15 1.68 -12.13
N LYS A 49 9.19 1.17 -12.76
CA LYS A 49 10.49 1.08 -12.10
C LYS A 49 11.50 1.91 -12.87
N PHE A 50 12.48 2.44 -12.13
CA PHE A 50 13.52 3.29 -12.69
C PHE A 50 12.92 4.43 -13.52
N ALA A 51 12.02 5.16 -12.86
CA ALA A 51 11.47 6.42 -13.36
C ALA A 51 10.54 6.27 -14.55
N SER A 52 10.85 5.38 -15.51
CA SER A 52 10.09 5.36 -16.75
C SER A 52 9.88 3.99 -17.38
N GLN A 53 10.33 2.89 -16.76
CA GLN A 53 10.14 1.57 -17.35
C GLN A 53 8.81 0.97 -16.92
N SER A 54 7.96 0.66 -17.88
CA SER A 54 6.65 0.08 -17.61
C SER A 54 6.79 -1.36 -17.17
N ILE A 55 5.85 -1.81 -16.35
CA ILE A 55 5.83 -3.16 -15.80
C ILE A 55 4.80 -3.98 -16.57
N SER A 56 5.15 -5.23 -16.88
CA SER A 56 4.25 -6.12 -17.59
C SER A 56 2.92 -6.26 -16.83
N GLY A 57 1.80 -6.18 -17.56
CA GLY A 57 0.48 -6.31 -16.98
C GLY A 57 -0.12 -5.03 -16.45
N ILE A 58 0.62 -3.93 -16.45
CA ILE A 58 0.13 -2.63 -15.99
C ILE A 58 -0.57 -1.96 -17.17
N PRO A 59 -1.70 -1.28 -16.96
CA PRO A 59 -2.36 -0.59 -18.08
C PRO A 59 -1.43 0.43 -18.73
N SER A 60 -1.56 0.55 -20.05
CA SER A 60 -0.64 1.40 -20.81
C SER A 60 -0.85 2.88 -20.56
N ARG A 61 -1.92 3.28 -19.85
CA ARG A 61 -2.11 4.69 -19.57
C ARG A 61 -1.16 5.21 -18.50
N PHE A 62 -0.46 4.33 -17.79
CA PHE A 62 0.53 4.73 -16.80
C PHE A 62 1.88 4.90 -17.46
N SER A 63 2.55 6.00 -17.16
CA SER A 63 3.92 6.24 -17.60
C SER A 63 4.60 7.14 -16.59
N GLY A 64 5.93 7.15 -16.62
CA GLY A 64 6.71 7.94 -15.69
C GLY A 64 7.81 8.68 -16.42
N SER A 65 8.29 9.74 -15.79
CA SER A 65 9.34 10.56 -16.38
C SER A 65 10.08 11.31 -15.29
N GLY A 66 11.17 11.95 -15.67
CA GLY A 66 11.97 12.72 -14.76
C GLY A 66 13.27 12.01 -14.38
N SER A 67 14.24 12.80 -13.93
CA SER A 67 15.52 12.27 -13.48
C SER A 67 16.10 13.25 -12.47
N GLY A 68 17.05 12.75 -11.68
CA GLY A 68 17.72 13.59 -10.72
C GLY A 68 16.96 13.72 -9.41
N SER A 69 16.10 14.72 -9.32
CA SER A 69 15.43 15.04 -8.06
C SER A 69 13.93 15.27 -8.18
N ASP A 70 13.36 15.30 -9.39
CA ASP A 70 11.95 15.58 -9.58
C ASP A 70 11.37 14.57 -10.56
N PHE A 71 10.24 13.96 -10.19
CA PHE A 71 9.70 12.86 -10.96
C PHE A 71 8.19 13.01 -11.09
N THR A 72 7.66 12.41 -12.16
CA THR A 72 6.25 12.54 -12.47
C THR A 72 5.72 11.18 -12.90
N LEU A 73 4.61 10.76 -12.31
CA LEU A 73 3.84 9.65 -12.82
C LEU A 73 2.68 10.22 -13.62
N SER A 74 2.54 9.79 -14.87
CA SER A 74 1.45 10.22 -15.73
C SER A 74 0.38 9.15 -15.84
N ILE A 75 -0.88 9.56 -15.81
CA ILE A 75 -1.99 8.70 -16.19
C ILE A 75 -2.73 9.40 -17.31
N ASN A 76 -2.61 8.87 -18.52
CA ASN A 76 -3.26 9.50 -19.66
C ASN A 76 -4.68 8.97 -19.78
N SER A 77 -5.66 9.85 -19.57
CA SER A 77 -7.08 9.50 -19.56
C SER A 77 -7.38 8.59 -18.35
N VAL A 78 -7.39 9.24 -17.19
CA VAL A 78 -7.64 8.54 -15.94
C VAL A 78 -9.05 7.95 -15.94
N GLU A 79 -9.22 6.85 -15.22
CA GLU A 79 -10.48 6.13 -15.16
C GLU A 79 -10.95 6.01 -13.70
N PRO A 80 -12.25 5.77 -13.48
CA PRO A 80 -12.72 5.64 -12.09
C PRO A 80 -12.05 4.53 -11.32
N GLU A 81 -11.64 3.45 -11.98
CA GLU A 81 -10.97 2.36 -11.28
C GLU A 81 -9.55 2.70 -10.86
N ASP A 82 -9.04 3.88 -11.19
CA ASP A 82 -7.68 4.26 -10.80
C ASP A 82 -7.63 4.91 -9.42
N VAL A 83 -8.77 5.07 -8.75
CA VAL A 83 -8.78 5.65 -7.42
CA VAL A 83 -8.77 5.67 -7.42
C VAL A 83 -7.92 4.82 -6.48
N GLY A 84 -7.17 5.51 -5.61
CA GLY A 84 -6.26 4.83 -4.72
C GLY A 84 -5.15 5.77 -4.29
N VAL A 85 -4.10 5.18 -3.72
CA VAL A 85 -2.94 5.94 -3.25
C VAL A 85 -1.74 5.54 -4.09
N TYR A 86 -0.94 6.54 -4.48
CA TYR A 86 0.24 6.32 -5.31
C TYR A 86 1.47 6.73 -4.51
N TYR A 87 2.47 5.84 -4.49
CA TYR A 87 3.68 6.01 -3.71
C TYR A 87 4.90 5.97 -4.62
N CYS A 88 5.84 6.88 -4.39
CA CYS A 88 7.15 6.78 -5.01
C CYS A 88 8.14 6.17 -4.02
N GLN A 89 9.19 5.55 -4.57
CA GLN A 89 10.24 4.98 -3.73
C GLN A 89 11.58 5.18 -4.42
N ASN A 90 12.54 5.69 -3.66
CA ASN A 90 13.90 5.87 -4.18
C ASN A 90 14.56 4.51 -4.41
N GLY A 91 15.40 4.47 -5.46
CA GLY A 91 16.13 3.27 -5.83
C GLY A 91 17.60 3.49 -5.53
N HIS A 92 17.99 4.75 -5.32
CA HIS A 92 19.27 5.13 -4.75
C HIS A 92 19.09 5.92 -3.46
N GLY A 93 20.14 5.93 -2.66
CA GLY A 93 20.03 6.56 -1.36
C GLY A 93 19.54 5.59 -0.30
N PHE A 94 20.00 5.80 0.93
CA PHE A 94 19.68 4.90 2.02
C PHE A 94 19.01 5.64 3.16
N PRO A 95 17.93 5.05 3.72
CA PRO A 95 17.37 3.76 3.33
C PRO A 95 16.44 3.88 2.12
N ARG A 96 16.02 2.74 1.58
CA ARG A 96 14.96 2.76 0.58
C ARG A 96 13.69 3.26 1.24
N THR A 97 13.22 4.41 0.79
CA THR A 97 12.20 5.20 1.47
C THR A 97 10.99 5.38 0.56
N PHE A 98 9.80 5.44 1.15
CA PHE A 98 8.59 5.73 0.39
C PHE A 98 8.13 7.16 0.66
N GLY A 99 7.65 7.83 -0.39
CA GLY A 99 6.92 9.05 -0.18
C GLY A 99 5.64 8.82 0.60
N GLY A 100 5.07 9.91 1.10
CA GLY A 100 3.86 9.84 1.91
C GLY A 100 2.61 9.42 1.15
N GLY A 101 2.67 9.35 -0.18
CA GLY A 101 1.51 8.93 -0.94
C GLY A 101 0.62 10.09 -1.38
N THR A 102 0.10 9.99 -2.60
CA THR A 102 -0.93 10.90 -3.09
C THR A 102 -2.20 10.08 -3.31
N LYS A 103 -3.28 10.45 -2.62
CA LYS A 103 -4.57 9.80 -2.79
C LYS A 103 -5.31 10.41 -3.96
N LEU A 104 -5.61 9.60 -4.97
CA LEU A 104 -6.32 10.07 -6.14
C LEU A 104 -7.83 9.85 -5.93
N GLU A 105 -8.60 10.93 -6.07
CA GLU A 105 -10.05 10.89 -6.00
C GLU A 105 -10.62 11.27 -7.36
N ILE A 106 -11.74 10.64 -7.71
CA ILE A 106 -12.43 10.91 -8.97
C ILE A 106 -13.59 11.87 -8.70
N LYS A 107 -13.65 12.96 -9.45
CA LYS A 107 -14.78 13.88 -9.40
C LYS A 107 -15.91 13.34 -10.25
N ARG A 108 -17.13 13.45 -9.74
CA ARG A 108 -18.31 13.00 -10.47
C ARG A 108 -19.46 13.98 -10.20
N THR A 109 -20.62 13.68 -10.77
CA THR A 109 -21.80 14.49 -10.50
C THR A 109 -22.21 14.35 -9.04
N VAL A 110 -22.95 15.35 -8.56
CA VAL A 110 -23.40 15.33 -7.18
C VAL A 110 -24.45 14.25 -7.02
N ALA A 111 -24.30 13.42 -5.99
CA ALA A 111 -25.25 12.37 -5.65
C ALA A 111 -25.65 12.55 -4.20
N ALA A 112 -26.93 12.75 -3.96
CA ALA A 112 -27.43 12.93 -2.60
C ALA A 112 -27.34 11.61 -1.83
N PRO A 113 -27.11 11.68 -0.52
CA PRO A 113 -27.10 10.45 0.29
C PRO A 113 -28.49 9.87 0.49
N SER A 114 -28.58 8.54 0.49
CA SER A 114 -29.73 7.85 1.03
C SER A 114 -29.48 7.67 2.53
N VAL A 115 -30.40 8.18 3.35
CA VAL A 115 -30.18 8.28 4.78
C VAL A 115 -31.03 7.24 5.50
N PHE A 116 -30.43 6.49 6.41
CA PHE A 116 -31.09 5.48 7.21
C PHE A 116 -30.72 5.69 8.68
N ILE A 117 -31.69 5.50 9.56
CA ILE A 117 -31.45 5.54 11.00
C ILE A 117 -31.79 4.18 11.59
N PHE A 118 -30.95 3.71 12.51
CA PHE A 118 -31.13 2.44 13.20
C PHE A 118 -31.20 2.68 14.71
N PRO A 119 -32.28 2.31 15.38
CA PRO A 119 -32.31 2.37 16.84
C PRO A 119 -31.37 1.34 17.45
N PRO A 120 -31.01 1.48 18.73
CA PRO A 120 -30.24 0.43 19.39
C PRO A 120 -31.05 -0.85 19.52
N SER A 121 -30.36 -1.97 19.47
CA SER A 121 -31.04 -3.25 19.65
C SER A 121 -31.51 -3.40 21.10
N ASP A 122 -32.63 -4.11 21.27
CA ASP A 122 -33.07 -4.49 22.62
C ASP A 122 -31.98 -5.22 23.38
N GLU A 123 -31.20 -6.05 22.67
CA GLU A 123 -30.14 -6.79 23.32
C GLU A 123 -29.06 -5.87 23.89
N GLN A 124 -28.65 -4.87 23.12
CA GLN A 124 -27.61 -3.96 23.62
C GLN A 124 -28.13 -3.13 24.78
N LEU A 125 -29.40 -2.73 24.74
CA LEU A 125 -29.97 -1.93 25.81
C LEU A 125 -29.90 -2.64 27.17
N LYS A 126 -29.85 -3.98 27.16
CA LYS A 126 -29.76 -4.71 28.41
C LYS A 126 -28.46 -4.40 29.14
N SER A 127 -27.37 -4.18 28.41
CA SER A 127 -26.04 -4.13 28.99
C SER A 127 -25.60 -2.73 29.42
N GLY A 128 -26.45 -1.71 29.29
CA GLY A 128 -26.18 -0.41 29.85
C GLY A 128 -25.77 0.67 28.88
N THR A 129 -25.61 0.36 27.60
CA THR A 129 -25.23 1.35 26.59
C THR A 129 -26.19 1.25 25.42
N ALA A 130 -26.48 2.39 24.80
CA ALA A 130 -27.31 2.46 23.60
C ALA A 130 -26.51 3.11 22.47
N SER A 131 -26.51 2.46 21.30
CA SER A 131 -25.84 2.98 20.11
C SER A 131 -26.89 3.23 19.03
N VAL A 132 -27.05 4.50 18.65
CA VAL A 132 -27.92 4.88 17.54
C VAL A 132 -27.04 5.12 16.32
N VAL A 133 -27.41 4.51 15.19
CA VAL A 133 -26.56 4.51 14.00
C VAL A 133 -27.30 5.20 12.87
N CYS A 134 -26.61 6.08 12.16
CA CYS A 134 -27.14 6.74 10.98
C CYS A 134 -26.24 6.46 9.80
N LEU A 135 -26.83 5.98 8.71
CA LEU A 135 -26.10 5.59 7.50
C LEU A 135 -26.41 6.58 6.38
N LEU A 136 -25.36 7.11 5.75
CA LEU A 136 -25.47 7.90 4.53
C LEU A 136 -24.85 7.08 3.42
N ASN A 137 -25.64 6.72 2.42
CA ASN A 137 -25.23 5.70 1.45
C ASN A 137 -25.06 6.29 0.07
N ASN A 138 -23.90 6.05 -0.54
CA ASN A 138 -23.61 6.32 -1.95
C ASN A 138 -23.91 7.79 -2.31
N PHE A 139 -23.08 8.66 -1.75
CA PHE A 139 -23.20 10.09 -2.02
C PHE A 139 -21.89 10.63 -2.56
N TYR A 140 -21.98 11.84 -3.11
CA TYR A 140 -20.84 12.60 -3.57
C TYR A 140 -21.27 14.05 -3.69
N PRO A 141 -20.43 15.01 -3.24
CA PRO A 141 -19.06 14.87 -2.71
C PRO A 141 -18.97 14.25 -1.32
N ARG A 142 -17.75 14.00 -0.87
CA ARG A 142 -17.53 13.35 0.42
C ARG A 142 -17.97 14.23 1.58
N GLU A 143 -17.83 15.54 1.42
CA GLU A 143 -18.25 16.52 2.43
C GLU A 143 -19.73 16.34 2.78
N ALA A 144 -20.00 16.08 4.07
CA ALA A 144 -21.37 15.90 4.54
C ALA A 144 -21.39 16.13 6.04
N LYS A 145 -22.38 16.88 6.51
CA LYS A 145 -22.55 17.18 7.92
C LYS A 145 -23.72 16.37 8.46
N VAL A 146 -23.47 15.57 9.49
CA VAL A 146 -24.50 14.82 10.19
C VAL A 146 -24.60 15.38 11.60
N GLN A 147 -25.81 15.79 12.00
CA GLN A 147 -26.06 16.30 13.33
C GLN A 147 -27.09 15.41 14.01
N TRP A 148 -26.86 15.12 15.28
CA TRP A 148 -27.78 14.31 16.06
C TRP A 148 -28.64 15.21 16.93
N LYS A 149 -29.93 14.93 16.96
CA LYS A 149 -30.86 15.61 17.85
C LYS A 149 -31.64 14.57 18.65
N VAL A 150 -31.79 14.84 19.95
CA VAL A 150 -32.50 13.96 20.86
C VAL A 150 -33.61 14.79 21.48
N ASP A 151 -34.86 14.48 21.13
CA ASP A 151 -36.00 15.35 21.42
C ASP A 151 -35.72 16.78 20.96
N ASN A 152 -35.25 16.89 19.71
CA ASN A 152 -34.95 18.17 19.07
C ASN A 152 -33.99 19.00 19.92
N ALA A 153 -32.99 18.35 20.49
CA ALA A 153 -31.91 19.01 21.20
C ALA A 153 -30.60 18.54 20.60
N LEU A 154 -29.82 19.47 20.08
CA LEU A 154 -28.56 19.12 19.41
C LEU A 154 -27.59 18.47 20.39
N GLN A 155 -26.96 17.40 19.93
CA GLN A 155 -26.00 16.67 20.72
C GLN A 155 -24.58 17.02 20.29
N SER A 156 -23.64 16.90 21.22
CA SER A 156 -22.26 17.27 20.97
C SER A 156 -21.33 16.35 21.76
N GLY A 157 -20.26 15.90 21.11
CA GLY A 157 -19.21 15.17 21.79
C GLY A 157 -19.51 13.73 22.12
N ASN A 158 -20.63 13.17 21.65
CA ASN A 158 -20.98 11.78 21.92
C ASN A 158 -21.20 10.97 20.66
N SER A 159 -20.62 11.41 19.53
CA SER A 159 -20.78 10.72 18.26
C SER A 159 -19.44 10.53 17.58
N GLN A 160 -19.35 9.48 16.76
CA GLN A 160 -18.18 9.21 15.94
C GLN A 160 -18.63 8.85 14.53
N GLU A 161 -17.90 9.36 13.54
CA GLU A 161 -18.18 9.11 12.14
C GLU A 161 -17.11 8.21 11.53
N SER A 162 -17.50 7.51 10.47
CA SER A 162 -16.60 6.66 9.71
C SER A 162 -17.03 6.70 8.25
N VAL A 163 -16.07 6.86 7.34
CA VAL A 163 -16.34 7.05 5.92
C VAL A 163 -15.62 5.97 5.14
N THR A 164 -16.29 5.42 4.13
CA THR A 164 -15.61 4.47 3.26
C THR A 164 -14.65 5.22 2.34
N GLU A 165 -13.75 4.46 1.72
CA GLU A 165 -13.00 5.01 0.61
C GLU A 165 -13.92 5.15 -0.60
N GLN A 166 -13.51 5.97 -1.55
CA GLN A 166 -14.32 6.20 -2.74
C GLN A 166 -14.45 4.91 -3.53
N ASP A 167 -15.67 4.59 -3.93
CA ASP A 167 -15.91 3.34 -4.64
C ASP A 167 -15.29 3.39 -6.03
N SER A 168 -14.74 2.27 -6.47
CA SER A 168 -14.04 2.24 -7.75
C SER A 168 -15.00 2.15 -8.94
N LYS A 169 -16.27 1.87 -8.70
CA LYS A 169 -17.26 1.76 -9.77
C LYS A 169 -18.08 3.06 -9.93
N ASP A 170 -18.82 3.45 -8.91
CA ASP A 170 -19.69 4.62 -8.99
C ASP A 170 -19.07 5.88 -8.40
N SER A 171 -17.85 5.79 -7.87
CA SER A 171 -17.10 6.95 -7.38
C SER A 171 -17.82 7.66 -6.24
N THR A 172 -18.60 6.94 -5.45
CA THR A 172 -19.34 7.53 -4.35
C THR A 172 -18.73 7.12 -3.02
N TYR A 173 -19.19 7.80 -1.97
CA TYR A 173 -18.82 7.50 -0.60
C TYR A 173 -20.03 7.00 0.18
N SER A 174 -19.76 6.29 1.27
CA SER A 174 -20.77 5.99 2.27
C SER A 174 -20.22 6.35 3.64
N LEU A 175 -21.13 6.66 4.56
CA LEU A 175 -20.73 7.19 5.86
C LEU A 175 -21.67 6.68 6.93
N SER A 176 -21.13 6.36 8.09
CA SER A 176 -21.91 6.00 9.25
C SER A 176 -21.55 6.90 10.41
N SER A 177 -22.56 7.32 11.17
CA SER A 177 -22.39 8.06 12.40
C SER A 177 -23.06 7.28 13.52
N THR A 178 -22.37 7.14 14.64
CA THR A 178 -22.89 6.40 15.79
C THR A 178 -22.96 7.34 16.99
N LEU A 179 -24.18 7.52 17.51
CA LEU A 179 -24.40 8.25 18.75
C LEU A 179 -24.39 7.26 19.91
N THR A 180 -23.55 7.51 20.90
CA THR A 180 -23.43 6.62 22.05
C THR A 180 -24.05 7.30 23.27
N LEU A 181 -25.06 6.65 23.84
CA LEU A 181 -25.71 7.12 25.06
C LEU A 181 -25.68 6.02 26.10
N SER A 182 -25.76 6.42 27.37
CA SER A 182 -26.06 5.45 28.41
C SER A 182 -27.50 4.99 28.26
N LYS A 183 -27.77 3.76 28.69
CA LYS A 183 -29.13 3.25 28.63
C LYS A 183 -30.07 4.13 29.45
N ALA A 184 -29.60 4.64 30.59
CA ALA A 184 -30.45 5.50 31.41
C ALA A 184 -30.86 6.76 30.67
N ASP A 185 -29.90 7.43 30.03
CA ASP A 185 -30.24 8.64 29.27
C ASP A 185 -31.10 8.31 28.06
N TYR A 186 -30.89 7.16 27.44
CA TYR A 186 -31.64 6.80 26.25
C TYR A 186 -33.12 6.63 26.57
N GLU A 187 -33.43 6.04 27.73
CA GLU A 187 -34.82 5.79 28.10
C GLU A 187 -35.55 7.05 28.56
N LYS A 188 -34.87 8.19 28.68
CA LYS A 188 -35.49 9.42 29.14
C LYS A 188 -36.02 10.28 28.00
N HIS A 189 -35.91 9.81 26.75
CA HIS A 189 -36.26 10.65 25.61
C HIS A 189 -37.01 9.81 24.59
N LYS A 190 -37.74 10.50 23.72
CA LYS A 190 -38.62 9.87 22.75
C LYS A 190 -38.09 9.94 21.33
N VAL A 191 -37.76 11.13 20.83
CA VAL A 191 -37.43 11.35 19.42
C VAL A 191 -35.92 11.35 19.25
N TYR A 192 -35.42 10.44 18.41
CA TYR A 192 -34.02 10.38 18.03
C TYR A 192 -33.93 10.67 16.54
N ALA A 193 -33.17 11.70 16.18
CA ALA A 193 -33.20 12.23 14.83
C ALA A 193 -31.79 12.43 14.30
N CYS A 194 -31.60 12.05 13.04
CA CYS A 194 -30.35 12.22 12.32
C CYS A 194 -30.59 13.25 11.21
N GLU A 195 -29.93 14.40 11.32
CA GLU A 195 -30.09 15.50 10.36
C GLU A 195 -28.86 15.62 9.47
N VAL A 196 -29.06 15.54 8.16
CA VAL A 196 -27.99 15.46 7.19
C VAL A 196 -28.00 16.72 6.33
N THR A 197 -26.87 17.43 6.28
CA THR A 197 -26.63 18.52 5.35
C THR A 197 -25.64 18.05 4.29
N HIS A 198 -25.96 18.29 3.03
CA HIS A 198 -25.12 17.86 1.93
C HIS A 198 -25.47 18.69 0.69
N GLN A 199 -24.49 18.78 -0.22
CA GLN A 199 -24.67 19.60 -1.42
C GLN A 199 -25.84 19.08 -2.26
N GLY A 200 -26.03 17.76 -2.31
CA GLY A 200 -27.09 17.20 -3.14
C GLY A 200 -28.49 17.35 -2.59
N LEU A 201 -28.66 17.90 -1.39
CA LEU A 201 -29.96 18.09 -0.77
C LEU A 201 -30.33 19.57 -0.83
N SER A 202 -31.48 19.87 -1.43
CA SER A 202 -31.96 21.26 -1.47
C SER A 202 -32.31 21.79 -0.09
N SER A 203 -32.39 20.91 0.91
CA SER A 203 -32.67 21.30 2.28
CA SER A 203 -32.66 21.31 2.28
C SER A 203 -32.18 20.16 3.19
N PRO A 204 -31.70 20.50 4.39
CA PRO A 204 -31.22 19.42 5.28
C PRO A 204 -32.30 18.40 5.57
N VAL A 205 -31.93 17.12 5.49
CA VAL A 205 -32.86 16.00 5.58
C VAL A 205 -32.72 15.34 6.95
N THR A 206 -33.85 15.07 7.60
CA THR A 206 -33.86 14.47 8.92
C THR A 206 -34.58 13.13 8.88
N LYS A 207 -33.92 12.09 9.38
CA LYS A 207 -34.53 10.79 9.62
C LYS A 207 -34.60 10.57 11.12
N SER A 208 -35.74 10.11 11.61
CA SER A 208 -35.95 10.01 13.05
C SER A 208 -36.75 8.76 13.38
N PHE A 209 -36.74 8.41 14.66
CA PHE A 209 -37.64 7.40 15.18
C PHE A 209 -38.00 7.80 16.60
N ASN A 210 -39.06 7.17 17.11
CA ASN A 210 -39.49 7.35 18.49
C ASN A 210 -39.15 6.07 19.23
N ARG A 211 -38.43 6.20 20.35
CA ARG A 211 -38.09 5.05 21.16
C ARG A 211 -39.35 4.31 21.57
N GLY A 212 -39.41 3.02 21.23
CA GLY A 212 -40.56 2.20 21.57
C GLY A 212 -41.71 2.27 20.60
N GLU A 213 -41.45 2.43 19.31
CA GLU A 213 -42.51 2.51 18.31
C GLU A 213 -42.45 1.34 17.33
N GLU B 1 1.39 -18.51 -11.56
CA GLU B 1 1.31 -17.15 -11.04
C GLU B 1 2.13 -16.99 -9.78
N VAL B 2 2.88 -15.89 -9.70
CA VAL B 2 3.63 -15.59 -8.49
C VAL B 2 2.65 -15.37 -7.34
N LYS B 3 2.94 -16.00 -6.20
CA LYS B 3 2.06 -15.91 -5.04
C LYS B 3 2.91 -15.87 -3.78
N LEU B 4 2.65 -14.90 -2.92
CA LEU B 4 3.34 -14.75 -1.65
C LEU B 4 2.28 -14.66 -0.56
N VAL B 5 2.43 -15.46 0.48
CA VAL B 5 1.40 -15.57 1.54
C VAL B 5 2.09 -15.40 2.88
N GLU B 6 1.86 -14.28 3.54
CA GLU B 6 2.41 -14.05 4.85
C GLU B 6 1.52 -14.68 5.92
N SER B 7 2.15 -15.07 7.03
CA SER B 7 1.43 -15.54 8.20
C SER B 7 2.28 -15.24 9.43
N GLY B 8 1.66 -15.36 10.60
CA GLY B 8 2.38 -15.20 11.86
C GLY B 8 2.03 -13.95 12.63
N GLY B 9 1.34 -12.99 12.02
CA GLY B 9 0.96 -11.81 12.76
C GLY B 9 0.04 -12.14 13.91
N ASP B 10 0.16 -11.35 14.98
CA ASP B 10 -0.64 -11.58 16.19
C ASP B 10 -0.54 -10.35 17.07
N LEU B 11 -1.33 -10.35 18.13
CA LEU B 11 -1.17 -9.40 19.22
C LEU B 11 -0.04 -9.88 20.14
N VAL B 12 0.94 -9.02 20.38
CA VAL B 12 2.08 -9.37 21.23
C VAL B 12 2.35 -8.23 22.20
N LYS B 13 2.88 -8.58 23.36
CA LYS B 13 3.13 -7.57 24.37
C LYS B 13 4.47 -6.87 24.10
N PRO B 14 4.62 -5.63 24.54
CA PRO B 14 5.89 -4.92 24.30
C PRO B 14 7.05 -5.63 24.96
N GLY B 15 8.18 -5.67 24.25
CA GLY B 15 9.33 -6.43 24.68
C GLY B 15 9.29 -7.89 24.30
N GLY B 16 8.18 -8.38 23.77
CA GLY B 16 8.08 -9.76 23.34
C GLY B 16 8.76 -10.00 22.01
N SER B 17 8.47 -11.16 21.44
CA SER B 17 9.10 -11.61 20.22
C SER B 17 8.05 -12.22 19.30
N LEU B 18 8.34 -12.19 18.00
CA LEU B 18 7.40 -12.71 17.02
C LEU B 18 8.17 -13.10 15.77
N LYS B 19 7.80 -14.23 15.18
CA LYS B 19 8.40 -14.66 13.92
C LYS B 19 7.34 -14.68 12.83
N LEU B 20 7.52 -13.86 11.81
CA LEU B 20 6.63 -13.82 10.67
C LEU B 20 7.16 -14.74 9.58
N SER B 21 6.25 -15.29 8.79
CA SER B 21 6.61 -16.21 7.74
C SER B 21 5.94 -15.80 6.44
N CYS B 22 6.56 -16.17 5.33
CA CYS B 22 6.00 -15.89 4.01
C CYS B 22 6.32 -17.06 3.10
N ALA B 23 5.28 -17.73 2.62
CA ALA B 23 5.44 -18.84 1.68
C ALA B 23 5.35 -18.30 0.25
N ALA B 24 6.31 -18.70 -0.58
CA ALA B 24 6.44 -18.20 -1.94
C ALA B 24 6.23 -19.33 -2.95
N SER B 25 5.56 -19.00 -4.06
CA SER B 25 5.36 -19.96 -5.13
C SER B 25 5.18 -19.19 -6.42
N GLY B 26 5.26 -19.92 -7.54
CA GLY B 26 5.10 -19.34 -8.86
C GLY B 26 6.37 -18.79 -9.47
N PHE B 27 7.51 -18.88 -8.79
CA PHE B 27 8.76 -18.42 -9.35
C PHE B 27 9.91 -19.16 -8.68
N THR B 28 11.10 -18.99 -9.24
CA THR B 28 12.31 -19.59 -8.68
C THR B 28 12.73 -18.78 -7.46
N PHE B 29 12.31 -19.24 -6.28
CA PHE B 29 12.51 -18.48 -5.05
C PHE B 29 13.98 -18.13 -4.85
N SER B 30 14.88 -19.09 -5.09
CA SER B 30 16.30 -18.90 -4.79
C SER B 30 16.98 -17.93 -5.75
N GLY B 31 16.29 -17.48 -6.80
CA GLY B 31 16.86 -16.57 -7.77
C GLY B 31 16.56 -15.11 -7.53
N TYR B 32 15.93 -14.75 -6.42
CA TYR B 32 15.50 -13.37 -6.20
C TYR B 32 15.79 -12.93 -4.78
N GLY B 33 16.23 -11.68 -4.64
CA GLY B 33 16.18 -11.04 -3.34
C GLY B 33 14.75 -10.92 -2.85
N MET B 34 14.61 -10.74 -1.54
CA MET B 34 13.30 -10.65 -0.91
C MET B 34 13.34 -9.56 0.14
N SER B 35 12.18 -8.97 0.42
CA SER B 35 12.10 -7.87 1.37
C SER B 35 10.85 -7.97 2.22
N TRP B 36 10.87 -7.25 3.35
CA TRP B 36 9.70 -7.00 4.17
C TRP B 36 9.45 -5.50 4.22
N VAL B 37 8.19 -5.11 4.05
CA VAL B 37 7.75 -3.71 4.15
C VAL B 37 6.57 -3.67 5.10
N ARG B 38 6.51 -2.66 5.96
CA ARG B 38 5.37 -2.54 6.86
C ARG B 38 4.62 -1.25 6.61
N GLN B 39 3.32 -1.29 6.88
CA GLN B 39 2.42 -0.17 6.68
C GLN B 39 1.76 0.15 8.01
N THR B 40 2.05 1.31 8.56
CA THR B 40 1.52 1.70 9.87
C THR B 40 0.08 2.18 9.73
N PRO B 41 -0.65 2.30 10.85
CA PRO B 41 -2.05 2.73 10.76
C PRO B 41 -2.25 4.09 10.12
N ASP B 42 -1.22 4.94 10.07
CA ASP B 42 -1.30 6.17 9.31
C ASP B 42 -1.18 5.94 7.80
N LYS B 43 -0.99 4.69 7.39
CA LYS B 43 -0.94 4.23 6.00
C LYS B 43 0.39 4.56 5.32
N ARG B 44 1.40 4.94 6.09
CA ARG B 44 2.74 5.14 5.54
C ARG B 44 3.46 3.81 5.42
N LEU B 45 4.28 3.69 4.37
CA LEU B 45 5.04 2.48 4.12
C LEU B 45 6.49 2.67 4.55
N GLU B 46 7.06 1.63 5.14
CA GLU B 46 8.45 1.67 5.60
C GLU B 46 9.10 0.33 5.27
N TRP B 47 10.18 0.37 4.49
CA TRP B 47 10.98 -0.81 4.27
C TRP B 47 11.69 -1.19 5.57
N VAL B 48 11.71 -2.48 5.91
CA VAL B 48 12.33 -2.90 7.16
C VAL B 48 13.41 -3.96 6.99
N ALA B 49 13.45 -4.71 5.89
CA ALA B 49 14.49 -5.74 5.78
C ALA B 49 14.58 -6.23 4.34
N THR B 50 15.79 -6.55 3.91
CA THR B 50 16.03 -7.15 2.60
C THR B 50 17.11 -8.21 2.75
N ILE B 51 17.00 -9.28 1.95
CA ILE B 51 17.96 -10.38 1.99
C ILE B 51 18.29 -10.76 0.56
N THR B 52 19.56 -11.08 0.30
CA THR B 52 19.94 -11.49 -1.04
C THR B 52 19.44 -12.90 -1.32
N SER B 53 19.51 -13.29 -2.61
CA SER B 53 18.86 -14.52 -3.07
C SER B 53 19.46 -15.78 -2.45
N GLY B 54 20.73 -15.75 -2.06
CA GLY B 54 21.36 -16.86 -1.39
C GLY B 54 21.31 -16.78 0.12
N GLY B 55 20.72 -15.73 0.68
CA GLY B 55 20.58 -15.58 2.12
C GLY B 55 21.77 -14.99 2.84
N THR B 56 22.88 -14.74 2.14
CA THR B 56 24.13 -14.40 2.82
C THR B 56 24.07 -13.00 3.42
N TYR B 57 23.55 -12.02 2.68
CA TYR B 57 23.60 -10.63 3.11
C TYR B 57 22.21 -10.12 3.47
N THR B 58 22.14 -9.38 4.56
CA THR B 58 20.90 -8.84 5.10
C THR B 58 21.09 -7.34 5.33
N TYR B 59 20.02 -6.58 5.14
CA TYR B 59 20.07 -5.13 5.21
C TYR B 59 18.86 -4.61 5.96
N TYR B 60 19.06 -3.61 6.81
CA TYR B 60 18.01 -3.08 7.64
C TYR B 60 18.16 -1.57 7.74
N PRO B 61 17.06 -0.84 7.80
CA PRO B 61 17.14 0.57 8.21
C PRO B 61 17.56 0.66 9.67
N ASP B 62 18.01 1.85 10.06
CA ASP B 62 18.47 2.06 11.44
C ASP B 62 17.35 1.88 12.44
N SER B 63 16.11 2.13 12.05
CA SER B 63 15.00 2.05 13.01
C SER B 63 14.84 0.65 13.58
N VAL B 64 15.13 -0.39 12.79
CA VAL B 64 14.95 -1.77 13.23
C VAL B 64 16.26 -2.53 13.33
N LYS B 65 17.38 -1.95 12.88
CA LYS B 65 18.65 -2.65 12.89
C LYS B 65 19.00 -3.07 14.32
N GLY B 66 19.39 -4.33 14.46
CA GLY B 66 19.75 -4.87 15.75
C GLY B 66 18.66 -5.66 16.43
N ARG B 67 17.40 -5.50 16.02
CA ARG B 67 16.33 -6.27 16.62
C ARG B 67 15.39 -6.95 15.64
N PHE B 68 15.49 -6.69 14.34
CA PHE B 68 14.85 -7.51 13.34
C PHE B 68 15.90 -8.39 12.67
N THR B 69 15.51 -9.62 12.33
CA THR B 69 16.37 -10.53 11.59
C THR B 69 15.55 -11.12 10.45
N ILE B 70 16.02 -10.95 9.24
CA ILE B 70 15.39 -11.58 8.07
C ILE B 70 16.18 -12.83 7.73
N SER B 71 15.49 -13.85 7.24
CA SER B 71 16.16 -15.09 6.85
C SER B 71 15.28 -15.79 5.83
N ARG B 72 15.84 -16.80 5.20
CA ARG B 72 15.11 -17.54 4.17
C ARG B 72 15.58 -18.98 4.13
N ASP B 73 14.69 -19.86 3.68
CA ASP B 73 15.00 -21.26 3.47
C ASP B 73 14.66 -21.59 2.03
N ASN B 74 15.68 -21.64 1.17
CA ASN B 74 15.44 -21.78 -0.26
C ASN B 74 14.99 -23.18 -0.65
N ALA B 75 15.29 -24.18 0.16
CA ALA B 75 14.73 -25.51 -0.07
C ALA B 75 13.23 -25.53 0.19
N LYS B 76 12.74 -24.66 1.07
CA LYS B 76 11.35 -24.63 1.47
C LYS B 76 10.56 -23.49 0.84
N ASN B 77 11.21 -22.61 0.07
CA ASN B 77 10.55 -21.47 -0.55
C ASN B 77 9.81 -20.64 0.51
N THR B 78 10.49 -20.38 1.62
CA THR B 78 9.89 -19.62 2.70
C THR B 78 10.81 -18.49 3.12
N LEU B 79 10.20 -17.35 3.40
CA LEU B 79 10.88 -16.16 3.91
C LEU B 79 10.43 -15.93 5.34
N TYR B 80 11.36 -15.48 6.20
CA TYR B 80 11.07 -15.25 7.60
C TYR B 80 11.47 -13.83 8.00
N LEU B 81 10.76 -13.30 9.00
CA LEU B 81 11.18 -12.09 9.68
C LEU B 81 11.00 -12.31 11.18
N GLN B 82 12.11 -12.33 11.91
CA GLN B 82 12.05 -12.43 13.35
C GLN B 82 12.12 -11.02 13.92
N ILE B 83 11.17 -10.68 14.77
CA ILE B 83 11.12 -9.38 15.41
C ILE B 83 11.34 -9.57 16.91
N ASP B 84 12.37 -8.90 17.44
CA ASP B 84 12.70 -8.95 18.86
C ASP B 84 12.50 -7.58 19.49
N SER B 85 12.41 -7.56 20.82
CA SER B 85 12.28 -6.36 21.62
C SER B 85 11.24 -5.41 21.01
N LEU B 86 10.02 -5.92 20.90
CA LEU B 86 8.97 -5.22 20.19
C LEU B 86 8.55 -3.94 20.89
N LYS B 87 8.27 -2.91 20.10
CA LYS B 87 7.80 -1.64 20.60
C LYS B 87 6.46 -1.30 19.94
N SER B 88 5.71 -0.40 20.58
CA SER B 88 4.40 -0.01 20.07
C SER B 88 4.48 0.48 18.63
N GLU B 89 5.60 1.11 18.25
CA GLU B 89 5.80 1.58 16.88
C GLU B 89 5.91 0.45 15.87
N ASP B 90 6.09 -0.79 16.31
CA ASP B 90 6.14 -1.92 15.40
C ASP B 90 4.75 -2.41 15.00
N THR B 91 3.69 -1.81 15.54
CA THR B 91 2.32 -2.17 15.16
C THR B 91 2.09 -1.76 13.71
N ALA B 92 1.77 -2.72 12.85
CA ALA B 92 1.69 -2.46 11.41
C ALA B 92 1.20 -3.71 10.71
N ILE B 93 0.83 -3.54 9.43
CA ILE B 93 0.67 -4.66 8.51
C ILE B 93 2.03 -4.91 7.87
N TYR B 94 2.45 -6.18 7.85
CA TYR B 94 3.76 -6.57 7.35
C TYR B 94 3.60 -7.34 6.05
N PHE B 95 4.24 -6.85 4.98
CA PHE B 95 4.20 -7.47 3.67
C PHE B 95 5.56 -8.08 3.34
N CYS B 96 5.56 -9.27 2.75
CA CYS B 96 6.75 -9.75 2.06
C CYS B 96 6.66 -9.37 0.59
N ALA B 97 7.80 -9.12 -0.01
CA ALA B 97 7.84 -8.69 -1.39
C ALA B 97 9.05 -9.30 -2.07
N ARG B 98 8.87 -9.71 -3.33
CA ARG B 98 10.00 -10.04 -4.17
C ARG B 98 10.65 -8.74 -4.63
N SER B 99 11.98 -8.69 -4.59
CA SER B 99 12.73 -7.47 -4.85
C SER B 99 13.65 -7.62 -6.05
N LEU B 100 13.92 -6.51 -6.71
CA LEU B 100 14.86 -6.41 -7.82
C LEU B 100 15.89 -5.33 -7.49
N ALA B 101 16.83 -5.11 -8.41
CA ALA B 101 17.82 -4.05 -8.21
C ALA B 101 17.12 -2.74 -7.86
N GLY B 102 17.75 -1.96 -6.97
CA GLY B 102 17.11 -0.76 -6.46
C GLY B 102 15.96 -1.04 -5.52
N ASN B 103 15.77 -2.29 -5.12
CA ASN B 103 14.67 -2.67 -4.24
C ASN B 103 13.31 -2.33 -4.84
N ALA B 104 13.21 -2.41 -6.17
CA ALA B 104 11.90 -2.42 -6.82
C ALA B 104 11.18 -3.73 -6.47
N MET B 105 9.98 -3.62 -5.93
CA MET B 105 9.28 -4.77 -5.37
C MET B 105 8.11 -5.12 -6.28
N ASP B 106 8.33 -6.09 -7.16
CA ASP B 106 7.39 -6.33 -8.24
C ASP B 106 6.29 -7.32 -7.89
N TYR B 107 6.36 -7.98 -6.73
CA TYR B 107 5.26 -8.80 -6.22
C TYR B 107 5.20 -8.71 -4.71
N TRP B 108 3.98 -8.59 -4.19
CA TRP B 108 3.74 -8.42 -2.78
C TRP B 108 2.73 -9.47 -2.29
N GLY B 109 2.85 -9.84 -1.02
CA GLY B 109 1.83 -10.64 -0.39
C GLY B 109 0.67 -9.78 0.05
N GLN B 110 -0.31 -10.44 0.67
CA GLN B 110 -1.49 -9.76 1.17
C GLN B 110 -1.28 -9.09 2.52
N GLY B 111 -0.20 -9.41 3.21
CA GLY B 111 0.11 -8.78 4.48
C GLY B 111 -0.35 -9.59 5.67
N THR B 112 0.31 -9.38 6.80
CA THR B 112 -0.13 -9.95 8.07
C THR B 112 -0.03 -8.86 9.14
N SER B 113 -1.01 -8.82 10.03
CA SER B 113 -1.17 -7.74 10.99
C SER B 113 -0.46 -8.05 12.30
N VAL B 114 0.31 -7.10 12.81
CA VAL B 114 1.00 -7.21 14.09
C VAL B 114 0.55 -6.05 14.96
N THR B 115 0.11 -6.34 16.18
CA THR B 115 -0.24 -5.31 17.14
C THR B 115 0.60 -5.50 18.39
N VAL B 116 1.37 -4.48 18.76
CA VAL B 116 2.19 -4.52 19.97
C VAL B 116 1.46 -3.74 21.05
N SER B 117 1.04 -4.44 22.10
CA SER B 117 0.23 -3.80 23.14
C SER B 117 0.21 -4.69 24.38
N SER B 118 0.26 -4.06 25.56
CA SER B 118 0.10 -4.80 26.79
C SER B 118 -1.37 -5.12 27.09
N ALA B 119 -2.30 -4.58 26.31
CA ALA B 119 -3.71 -4.81 26.53
C ALA B 119 -4.14 -6.19 26.05
N SER B 120 -5.11 -6.77 26.73
CA SER B 120 -5.59 -8.11 26.42
C SER B 120 -6.53 -8.08 25.22
N THR B 121 -6.54 -9.20 24.48
CA THR B 121 -7.48 -9.34 23.38
C THR B 121 -8.90 -9.49 23.93
N LYS B 122 -9.87 -9.06 23.13
CA LYS B 122 -11.27 -9.17 23.49
C LYS B 122 -12.09 -9.36 22.23
N GLY B 123 -12.97 -10.35 22.23
CA GLY B 123 -13.85 -10.59 21.11
C GLY B 123 -14.99 -9.59 21.08
N PRO B 124 -15.58 -9.38 19.91
CA PRO B 124 -16.64 -8.38 19.78
C PRO B 124 -18.01 -8.91 20.14
N SER B 125 -18.85 -8.00 20.63
CA SER B 125 -20.29 -8.22 20.68
C SER B 125 -20.89 -7.76 19.36
N VAL B 126 -21.85 -8.51 18.85
CA VAL B 126 -22.40 -8.25 17.52
C VAL B 126 -23.90 -8.00 17.67
N PHE B 127 -24.34 -6.80 17.31
CA PHE B 127 -25.72 -6.41 17.46
C PHE B 127 -26.35 -6.15 16.11
N PRO B 128 -27.64 -6.42 15.94
CA PRO B 128 -28.27 -6.17 14.63
C PRO B 128 -28.55 -4.69 14.42
N LEU B 129 -28.39 -4.26 13.18
CA LEU B 129 -28.93 -2.99 12.70
C LEU B 129 -30.15 -3.39 11.88
N ALA B 130 -31.31 -3.39 12.53
CA ALA B 130 -32.50 -3.98 11.94
C ALA B 130 -33.12 -3.03 10.92
N PRO B 131 -33.54 -3.55 9.77
CA PRO B 131 -34.20 -2.69 8.78
C PRO B 131 -35.49 -2.10 9.34
N SER B 132 -35.78 -0.87 8.92
CA SER B 132 -36.96 -0.16 9.38
C SER B 132 -38.07 -0.22 8.34
N GLY B 139 -37.99 1.75 -2.03
CA GLY B 139 -37.70 0.56 -2.80
C GLY B 139 -36.47 -0.17 -2.31
N THR B 140 -35.57 0.55 -1.64
CA THR B 140 -34.33 -0.01 -1.12
C THR B 140 -34.32 0.11 0.40
N ALA B 141 -34.01 -0.99 1.08
CA ALA B 141 -33.86 -1.00 2.52
C ALA B 141 -32.40 -1.23 2.88
N ALA B 142 -32.04 -0.89 4.12
CA ALA B 142 -30.71 -1.13 4.63
C ALA B 142 -30.79 -1.87 5.95
N LEU B 143 -29.81 -2.73 6.17
CA LEU B 143 -29.69 -3.49 7.41
C LEU B 143 -28.21 -3.75 7.60
N GLY B 144 -27.85 -4.20 8.80
CA GLY B 144 -26.44 -4.45 9.05
C GLY B 144 -26.17 -4.98 10.44
N CYS B 145 -24.90 -4.93 10.80
CA CYS B 145 -24.43 -5.42 12.10
C CYS B 145 -23.50 -4.38 12.70
N LEU B 146 -23.70 -4.08 13.97
CA LEU B 146 -22.75 -3.30 14.75
C LEU B 146 -21.82 -4.26 15.48
N VAL B 147 -20.53 -4.19 15.17
CA VAL B 147 -19.52 -5.08 15.74
C VAL B 147 -18.75 -4.24 16.76
N LYS B 148 -19.08 -4.37 18.04
CA LYS B 148 -18.64 -3.40 19.03
C LYS B 148 -17.70 -4.02 20.06
N ASP B 149 -16.78 -3.20 20.55
CA ASP B 149 -15.98 -3.48 21.74
C ASP B 149 -15.06 -4.69 21.57
N TYR B 150 -14.16 -4.63 20.59
CA TYR B 150 -13.16 -5.66 20.39
C TYR B 150 -11.78 -5.03 20.37
N PHE B 151 -10.76 -5.87 20.52
CA PHE B 151 -9.37 -5.45 20.50
C PHE B 151 -8.48 -6.65 20.28
N PRO B 152 -7.47 -6.52 19.41
CA PRO B 152 -7.16 -5.36 18.57
C PRO B 152 -7.82 -5.50 17.23
N GLU B 153 -7.48 -4.62 16.30
CA GLU B 153 -7.82 -4.82 14.90
C GLU B 153 -7.04 -6.03 14.38
N PRO B 154 -7.54 -6.69 13.31
CA PRO B 154 -8.80 -6.41 12.63
C PRO B 154 -9.89 -7.47 12.86
N VAL B 155 -11.10 -7.14 12.46
CA VAL B 155 -12.16 -8.13 12.26
C VAL B 155 -12.46 -8.17 10.77
N THR B 156 -12.86 -9.33 10.30
CA THR B 156 -13.40 -9.48 8.96
C THR B 156 -14.89 -9.75 9.06
N VAL B 157 -15.66 -9.12 8.18
CA VAL B 157 -17.10 -9.29 8.16
C VAL B 157 -17.52 -9.71 6.77
N SER B 158 -18.28 -10.79 6.68
CA SER B 158 -18.92 -11.20 5.44
C SER B 158 -20.40 -11.37 5.72
N TRP B 159 -21.18 -11.48 4.65
CA TRP B 159 -22.62 -11.62 4.75
C TRP B 159 -23.04 -12.89 4.02
N ASN B 160 -23.88 -13.67 4.69
CA ASN B 160 -24.35 -14.96 4.17
C ASN B 160 -23.18 -15.81 3.67
N SER B 161 -22.13 -15.85 4.49
CA SER B 161 -20.94 -16.66 4.22
C SER B 161 -20.31 -16.29 2.87
N GLY B 162 -20.30 -14.99 2.57
CA GLY B 162 -19.69 -14.51 1.35
C GLY B 162 -20.58 -14.57 0.13
N ALA B 163 -21.79 -15.13 0.24
CA ALA B 163 -22.69 -15.15 -0.91
C ALA B 163 -23.28 -13.78 -1.19
N LEU B 164 -23.31 -12.89 -0.20
CA LEU B 164 -23.86 -11.55 -0.36
C LEU B 164 -22.71 -10.56 -0.37
N THR B 165 -22.43 -9.99 -1.54
CA THR B 165 -21.36 -9.02 -1.76
C THR B 165 -21.86 -7.69 -2.29
N SER B 166 -22.86 -7.70 -3.17
CA SER B 166 -23.35 -6.46 -3.77
C SER B 166 -24.05 -5.60 -2.72
N GLY B 167 -23.72 -4.31 -2.72
CA GLY B 167 -24.33 -3.37 -1.80
C GLY B 167 -23.87 -3.47 -0.37
N VAL B 168 -22.76 -4.16 -0.10
CA VAL B 168 -22.23 -4.27 1.25
C VAL B 168 -21.19 -3.16 1.47
N HIS B 169 -21.30 -2.48 2.61
CA HIS B 169 -20.30 -1.50 3.05
C HIS B 169 -19.89 -1.84 4.46
N THR B 170 -18.62 -2.18 4.63
CA THR B 170 -18.04 -2.38 5.95
C THR B 170 -17.15 -1.18 6.24
N PHE B 171 -17.44 -0.46 7.31
CA PHE B 171 -16.80 0.82 7.53
C PHE B 171 -15.50 0.65 8.31
N PRO B 172 -14.58 1.61 8.17
CA PRO B 172 -13.40 1.63 9.03
C PRO B 172 -13.79 1.60 10.50
N ALA B 173 -13.03 0.84 11.29
CA ALA B 173 -13.29 0.77 12.72
C ALA B 173 -12.91 2.10 13.38
N VAL B 174 -13.64 2.45 14.43
CA VAL B 174 -13.34 3.64 15.21
C VAL B 174 -12.83 3.21 16.57
N LEU B 175 -11.79 3.90 17.04
CA LEU B 175 -11.27 3.67 18.39
C LEU B 175 -12.11 4.46 19.38
N GLN B 176 -12.75 3.77 20.30
CA GLN B 176 -13.59 4.42 21.31
C GLN B 176 -12.73 4.86 22.49
N SER B 177 -13.31 5.71 23.34
CA SER B 177 -12.59 6.21 24.51
C SER B 177 -12.23 5.10 25.49
N SER B 178 -12.92 3.96 25.42
CA SER B 178 -12.61 2.84 26.31
C SER B 178 -11.34 2.12 25.89
N GLY B 179 -10.87 2.30 24.65
CA GLY B 179 -9.74 1.58 24.12
C GLY B 179 -10.11 0.43 23.21
N LEU B 180 -11.39 0.09 23.11
CA LEU B 180 -11.85 -0.97 22.23
C LEU B 180 -12.30 -0.38 20.90
N TYR B 181 -12.29 -1.21 19.87
CA TYR B 181 -12.72 -0.79 18.54
C TYR B 181 -14.18 -1.10 18.31
N SER B 182 -14.79 -0.34 17.42
CA SER B 182 -16.18 -0.53 17.05
C SER B 182 -16.30 -0.35 15.55
N LEU B 183 -17.04 -1.24 14.90
CA LEU B 183 -17.16 -1.25 13.46
C LEU B 183 -18.62 -1.52 13.08
N SER B 184 -19.06 -0.91 11.98
CA SER B 184 -20.37 -1.19 11.41
C SER B 184 -20.20 -1.78 10.02
N SER B 185 -21.04 -2.76 9.70
CA SER B 185 -21.14 -3.29 8.35
C SER B 185 -22.61 -3.29 7.95
N VAL B 186 -22.91 -2.71 6.79
CA VAL B 186 -24.29 -2.57 6.33
C VAL B 186 -24.41 -3.12 4.92
N VAL B 187 -25.62 -3.51 4.57
CA VAL B 187 -25.94 -3.92 3.21
C VAL B 187 -27.28 -3.29 2.82
N THR B 188 -27.34 -2.78 1.60
CA THR B 188 -28.61 -2.31 1.04
C THR B 188 -29.21 -3.41 0.20
N VAL B 189 -30.50 -3.67 0.42
CA VAL B 189 -31.20 -4.78 -0.22
C VAL B 189 -32.54 -4.27 -0.72
N PRO B 190 -33.16 -4.98 -1.67
CA PRO B 190 -34.54 -4.63 -2.02
C PRO B 190 -35.44 -4.78 -0.81
N SER B 191 -36.29 -3.77 -0.60
CA SER B 191 -37.23 -3.82 0.52
C SER B 191 -38.15 -5.03 0.41
N SER B 192 -38.38 -5.51 -0.80
CA SER B 192 -39.19 -6.71 -1.01
C SER B 192 -38.53 -7.98 -0.48
N SER B 193 -37.26 -7.93 -0.08
CA SER B 193 -36.59 -9.14 0.40
C SER B 193 -36.65 -9.29 1.92
N LEU B 194 -37.09 -8.27 2.65
CA LEU B 194 -37.16 -8.36 4.10
C LEU B 194 -38.27 -9.32 4.52
N GLY B 195 -37.95 -10.19 5.49
CA GLY B 195 -38.87 -11.21 5.92
C GLY B 195 -38.86 -12.47 5.08
N THR B 196 -38.43 -12.39 3.82
CA THR B 196 -38.29 -13.56 2.96
C THR B 196 -36.85 -14.04 2.85
N GLN B 197 -35.89 -13.12 2.76
CA GLN B 197 -34.49 -13.48 2.64
C GLN B 197 -33.83 -13.51 4.02
N THR B 198 -33.01 -14.54 4.26
CA THR B 198 -32.22 -14.63 5.47
C THR B 198 -30.92 -13.83 5.30
N TYR B 199 -30.61 -12.99 6.28
CA TYR B 199 -29.39 -12.18 6.27
C TYR B 199 -28.59 -12.46 7.54
N ILE B 200 -27.37 -12.95 7.36
CA ILE B 200 -26.49 -13.32 8.47
C ILE B 200 -25.13 -12.68 8.25
N CYS B 201 -24.67 -11.90 9.23
CA CYS B 201 -23.32 -11.35 9.15
C CYS B 201 -22.36 -12.28 9.89
N ASN B 202 -21.28 -12.65 9.20
CA ASN B 202 -20.27 -13.57 9.73
C ASN B 202 -19.07 -12.73 10.14
N VAL B 203 -18.81 -12.65 11.45
CA VAL B 203 -17.72 -11.84 11.98
C VAL B 203 -16.62 -12.79 12.44
N ASN B 204 -15.40 -12.54 11.98
CA ASN B 204 -14.24 -13.32 12.34
C ASN B 204 -13.23 -12.40 13.02
N HIS B 205 -12.89 -12.70 14.27
CA HIS B 205 -11.87 -11.95 15.00
C HIS B 205 -10.75 -12.92 15.37
N LYS B 206 -9.76 -13.03 14.49
CA LYS B 206 -8.69 -13.97 14.70
C LYS B 206 -7.85 -13.70 15.96
N PRO B 207 -7.56 -12.45 16.35
CA PRO B 207 -6.75 -12.26 17.57
C PRO B 207 -7.36 -12.84 18.84
N SER B 208 -8.69 -12.91 18.95
CA SER B 208 -9.32 -13.55 20.10
C SER B 208 -9.82 -14.96 19.78
N ASN B 209 -9.53 -15.47 18.57
CA ASN B 209 -10.00 -16.78 18.13
C ASN B 209 -11.51 -16.91 18.28
N THR B 210 -12.24 -15.87 17.89
CA THR B 210 -13.69 -15.84 18.01
C THR B 210 -14.31 -15.65 16.64
N LYS B 211 -15.33 -16.45 16.33
CA LYS B 211 -16.21 -16.24 15.19
C LYS B 211 -17.62 -16.08 15.73
N VAL B 212 -18.35 -15.10 15.18
CA VAL B 212 -19.74 -14.87 15.57
C VAL B 212 -20.57 -14.77 14.29
N ASP B 213 -21.72 -15.44 14.28
CA ASP B 213 -22.72 -15.23 13.24
C ASP B 213 -24.00 -14.76 13.89
N LYS B 214 -24.57 -13.68 13.35
CA LYS B 214 -25.76 -13.05 13.88
C LYS B 214 -26.75 -12.90 12.74
N LYS B 215 -27.93 -13.50 12.89
CA LYS B 215 -29.00 -13.30 11.93
C LYS B 215 -29.66 -11.95 12.18
N VAL B 216 -29.84 -11.16 11.14
CA VAL B 216 -30.44 -9.84 11.24
C VAL B 216 -31.82 -9.89 10.58
N GLU B 217 -32.86 -9.66 11.38
CA GLU B 217 -34.25 -9.73 10.95
C GLU B 217 -34.93 -8.39 11.16
N PRO B 218 -36.03 -8.12 10.45
CA PRO B 218 -36.84 -6.95 10.77
C PRO B 218 -37.36 -7.03 12.19
N LYS B 219 -37.35 -5.89 12.89
CA LYS B 219 -37.89 -5.84 14.23
C LYS B 219 -39.38 -6.17 14.22
N SER B 220 -39.81 -6.98 15.18
CA SER B 220 -41.19 -7.46 15.25
C SER B 220 -42.18 -6.32 15.45
N GLN C 1 28.22 1.73 0.34
CA GLN C 1 28.55 2.21 -1.01
C GLN C 1 29.44 1.20 -1.72
N LEU C 2 29.10 0.89 -2.97
CA LEU C 2 29.96 0.03 -3.78
C LEU C 2 31.28 0.73 -4.03
N LEU C 3 32.38 0.00 -3.85
CA LEU C 3 33.72 0.53 -4.07
C LEU C 3 34.36 -0.15 -5.28
N PHE C 4 35.27 0.56 -5.92
CA PHE C 4 35.79 0.16 -7.22
C PHE C 4 37.31 0.08 -7.19
N ASN C 5 37.85 -0.82 -8.00
CA ASN C 5 39.24 -0.74 -8.45
C ASN C 5 39.27 0.30 -9.55
N LYS C 6 39.49 1.55 -9.17
CA LYS C 6 39.33 2.67 -10.09
C LYS C 6 40.45 2.70 -11.12
N THR C 7 40.14 3.29 -12.27
CA THR C 7 41.10 3.57 -13.33
C THR C 7 40.77 4.94 -13.90
N LYS C 8 41.77 5.83 -13.96
CA LYS C 8 41.50 7.18 -14.43
C LYS C 8 41.20 7.20 -15.92
N SER C 9 41.91 6.39 -16.71
CA SER C 9 41.77 6.46 -18.16
C SER C 9 42.38 5.21 -18.79
N VAL C 10 41.86 4.87 -19.97
CA VAL C 10 42.44 3.82 -20.80
C VAL C 10 42.54 4.33 -22.22
N GLU C 11 43.53 3.83 -22.94
CA GLU C 11 43.81 4.24 -24.31
C GLU C 11 43.60 3.07 -25.25
N PHE C 12 43.28 3.39 -26.50
CA PHE C 12 43.19 2.35 -27.52
C PHE C 12 43.70 2.89 -28.85
N THR C 13 44.15 1.97 -29.69
CA THR C 13 44.50 2.20 -31.08
C THR C 13 43.58 1.36 -31.94
N PHE C 14 43.67 1.57 -33.25
CA PHE C 14 42.97 0.67 -34.17
C PHE C 14 43.61 -0.70 -34.21
N GLY C 15 44.79 -0.87 -33.59
CA GLY C 15 45.34 -2.21 -33.43
C GLY C 15 44.76 -2.99 -32.26
N ASN C 16 44.04 -2.33 -31.37
CA ASN C 16 43.37 -3.04 -30.28
C ASN C 16 42.40 -4.05 -30.86
N ASP C 17 42.34 -5.23 -30.23
CA ASP C 17 41.36 -6.23 -30.66
C ASP C 17 39.94 -5.69 -30.49
N THR C 18 39.62 -5.17 -29.31
CA THR C 18 38.33 -4.56 -29.05
C THR C 18 38.52 -3.50 -27.97
N VAL C 19 37.50 -2.68 -27.79
CA VAL C 19 37.56 -1.59 -26.81
C VAL C 19 36.87 -2.06 -25.54
N VAL C 20 37.62 -2.10 -24.44
CA VAL C 20 37.11 -2.52 -23.13
C VAL C 20 37.30 -1.37 -22.17
N ILE C 21 36.22 -0.88 -21.60
CA ILE C 21 36.27 0.16 -20.56
C ILE C 21 36.09 -0.52 -19.22
N PRO C 22 37.10 -0.49 -18.33
CA PRO C 22 37.03 -1.30 -17.12
C PRO C 22 36.11 -0.73 -16.04
N CYS C 23 35.39 -1.63 -15.39
CA CYS C 23 34.59 -1.28 -14.23
C CYS C 23 34.59 -2.51 -13.32
N PHE C 24 35.22 -2.39 -12.16
CA PHE C 24 35.39 -3.52 -11.23
C PHE C 24 34.95 -3.10 -9.83
N VAL C 25 33.84 -3.66 -9.37
CA VAL C 25 33.36 -3.46 -8.00
C VAL C 25 34.07 -4.44 -7.09
N THR C 26 34.73 -3.93 -6.04
CA THR C 26 35.50 -4.77 -5.14
C THR C 26 34.69 -5.36 -3.98
N ASN C 27 33.52 -4.81 -3.67
CA ASN C 27 32.72 -5.31 -2.55
C ASN C 27 31.31 -5.62 -3.01
N MET C 28 31.19 -6.23 -4.18
CA MET C 28 29.91 -6.71 -4.68
C MET C 28 29.35 -7.76 -3.74
N GLU C 29 28.06 -7.64 -3.42
CA GLU C 29 27.39 -8.58 -2.53
C GLU C 29 26.17 -9.25 -3.14
N ALA C 30 25.83 -8.94 -4.38
CA ALA C 30 24.71 -9.60 -5.03
C ALA C 30 25.00 -11.08 -5.27
N GLN C 31 23.95 -11.90 -5.22
CA GLN C 31 24.10 -13.34 -5.40
C GLN C 31 23.31 -13.89 -6.58
N ASN C 32 22.56 -13.04 -7.28
CA ASN C 32 21.92 -13.38 -8.53
C ASN C 32 21.80 -12.10 -9.32
N THR C 33 21.87 -12.20 -10.66
CA THR C 33 21.83 -10.98 -11.45
C THR C 33 20.47 -10.29 -11.40
N THR C 34 19.42 -10.97 -10.91
CA THR C 34 18.14 -10.28 -10.73
C THR C 34 18.26 -9.13 -9.75
N GLU C 35 19.29 -9.14 -8.91
CA GLU C 35 19.49 -8.08 -7.92
C GLU C 35 20.26 -6.90 -8.48
N VAL C 36 20.69 -6.92 -9.74
CA VAL C 36 21.71 -6.02 -10.25
C VAL C 36 21.17 -5.20 -11.42
N TYR C 37 21.58 -3.93 -11.47
CA TYR C 37 21.32 -3.06 -12.61
C TYR C 37 22.62 -2.35 -12.94
N VAL C 38 22.99 -2.36 -14.23
CA VAL C 38 24.20 -1.69 -14.69
C VAL C 38 23.80 -0.60 -15.67
N LYS C 39 24.33 0.60 -15.45
CA LYS C 39 24.14 1.72 -16.38
C LYS C 39 25.49 2.31 -16.75
N TRP C 40 25.71 2.48 -18.05
CA TRP C 40 26.90 3.16 -18.57
C TRP C 40 26.43 4.47 -19.20
N LYS C 41 27.11 5.57 -18.84
CA LYS C 41 26.75 6.90 -19.30
C LYS C 41 27.92 7.52 -20.06
N PHE C 42 27.59 8.40 -21.00
CA PHE C 42 28.59 9.16 -21.75
C PHE C 42 27.98 10.50 -22.08
N LYS C 43 28.66 11.58 -21.71
CA LYS C 43 28.22 12.95 -21.97
C LYS C 43 26.76 13.16 -21.56
N GLY C 44 26.39 12.63 -20.39
CA GLY C 44 25.06 12.79 -19.85
C GLY C 44 24.02 11.83 -20.38
N ARG C 45 24.34 11.04 -21.40
CA ARG C 45 23.39 10.12 -22.01
C ARG C 45 23.64 8.71 -21.50
N ASP C 46 22.56 7.95 -21.31
CA ASP C 46 22.66 6.52 -20.99
C ASP C 46 22.98 5.77 -22.28
N ILE C 47 24.17 5.18 -22.36
CA ILE C 47 24.61 4.53 -23.58
C ILE C 47 24.61 3.00 -23.48
N TYR C 48 24.41 2.45 -22.28
CA TYR C 48 24.19 1.03 -22.12
C TYR C 48 23.53 0.80 -20.77
N THR C 49 22.48 -0.01 -20.75
CA THR C 49 21.92 -0.51 -19.50
C THR C 49 21.75 -2.02 -19.57
N PHE C 50 22.01 -2.68 -18.45
CA PHE C 50 21.65 -4.09 -18.30
C PHE C 50 20.67 -4.20 -17.13
N ASP C 51 19.47 -4.69 -17.42
CA ASP C 51 18.46 -4.96 -16.41
C ASP C 51 18.56 -6.44 -16.09
N GLY C 52 19.13 -6.77 -14.93
CA GLY C 52 19.34 -8.18 -14.59
C GLY C 52 18.06 -8.93 -14.30
N ALA C 53 17.06 -8.25 -13.73
CA ALA C 53 15.78 -8.92 -13.46
C ALA C 53 15.15 -9.43 -14.75
N LEU C 54 15.25 -8.65 -15.82
CA LEU C 54 14.67 -8.99 -17.11
C LEU C 54 15.67 -9.57 -18.09
N ASN C 55 16.95 -9.66 -17.72
CA ASN C 55 17.98 -10.22 -18.59
C ASN C 55 18.09 -9.44 -19.88
N LYS C 56 17.95 -8.11 -19.78
CA LYS C 56 17.70 -7.27 -20.95
C LYS C 56 18.72 -6.14 -20.99
N SER C 57 19.44 -6.05 -22.11
CA SER C 57 20.36 -4.95 -22.37
C SER C 57 19.73 -3.96 -23.35
N THR C 58 20.06 -2.68 -23.16
CA THR C 58 19.55 -1.62 -24.01
C THR C 58 20.69 -0.70 -24.42
N VAL C 59 20.80 -0.43 -25.72
CA VAL C 59 21.82 0.48 -26.25
C VAL C 59 21.18 1.40 -27.27
N PRO C 60 21.68 2.64 -27.35
CA PRO C 60 21.27 3.52 -28.45
C PRO C 60 21.96 3.11 -29.74
N THR C 61 21.50 3.71 -30.85
CA THR C 61 21.96 3.26 -32.15
C THR C 61 23.43 3.59 -32.40
N ASP C 62 23.95 4.65 -31.79
CA ASP C 62 25.37 4.97 -31.94
C ASP C 62 26.26 4.15 -31.03
N PHE C 63 25.70 3.23 -30.25
CA PHE C 63 26.47 2.32 -29.42
C PHE C 63 25.95 0.89 -29.60
N SER C 64 25.55 0.56 -30.82
CA SER C 64 24.85 -0.71 -31.07
C SER C 64 25.70 -1.92 -30.75
N SER C 65 27.01 -1.77 -30.63
CA SER C 65 27.91 -2.88 -30.37
C SER C 65 28.26 -3.03 -28.90
N ALA C 66 27.82 -2.11 -28.04
CA ALA C 66 28.20 -2.14 -26.64
C ALA C 66 27.58 -3.32 -25.92
N LYS C 67 28.35 -3.95 -25.05
CA LYS C 67 27.85 -5.09 -24.26
C LYS C 67 28.73 -5.26 -23.03
N ILE C 68 28.18 -5.98 -22.06
CA ILE C 68 28.95 -6.45 -20.91
C ILE C 68 28.85 -7.98 -20.90
N GLU C 69 29.80 -8.61 -20.25
CA GLU C 69 29.81 -10.06 -20.11
C GLU C 69 29.08 -10.41 -18.82
N VAL C 70 27.83 -10.88 -18.96
CA VAL C 70 26.94 -11.05 -17.82
C VAL C 70 27.45 -12.11 -16.85
N SER C 71 28.14 -13.15 -17.35
CA SER C 71 28.70 -14.19 -16.50
C SER C 71 29.75 -13.66 -15.52
N GLN C 72 30.28 -12.45 -15.74
CA GLN C 72 31.29 -11.88 -14.87
C GLN C 72 30.74 -10.86 -13.89
N LEU C 73 29.45 -10.53 -13.98
CA LEU C 73 28.90 -9.40 -13.23
C LEU C 73 28.97 -9.62 -11.72
N LEU C 74 28.60 -10.81 -11.24
CA LEU C 74 28.58 -11.02 -9.79
C LEU C 74 29.98 -11.12 -9.20
N LYS C 75 31.01 -11.31 -10.03
CA LYS C 75 32.38 -11.12 -9.59
C LYS C 75 32.76 -9.65 -9.47
N GLY C 76 31.84 -8.74 -9.77
CA GLY C 76 32.13 -7.32 -9.72
C GLY C 76 32.59 -6.71 -11.03
N ASP C 77 32.58 -7.48 -12.11
CA ASP C 77 33.11 -7.05 -13.41
C ASP C 77 31.94 -6.54 -14.27
N ALA C 78 31.79 -5.23 -14.36
CA ALA C 78 30.77 -4.62 -15.21
C ALA C 78 31.38 -3.89 -16.40
N SER C 79 32.56 -4.36 -16.85
CA SER C 79 33.31 -3.70 -17.90
C SER C 79 32.51 -3.64 -19.21
N LEU C 80 32.55 -2.48 -19.86
CA LEU C 80 31.84 -2.28 -21.10
C LEU C 80 32.76 -2.60 -22.28
N LYS C 81 32.26 -3.41 -23.21
CA LYS C 81 33.01 -3.77 -24.42
C LYS C 81 32.27 -3.23 -25.63
N MET C 82 33.02 -2.65 -26.56
CA MET C 82 32.40 -2.10 -27.76
C MET C 82 33.39 -2.17 -28.91
N ASP C 83 32.87 -2.07 -30.13
CA ASP C 83 33.72 -2.03 -31.31
C ASP C 83 34.49 -0.73 -31.38
N LYS C 84 35.62 -0.77 -32.08
CA LYS C 84 36.44 0.42 -32.28
C LYS C 84 35.66 1.51 -33.00
N SER C 85 34.84 1.13 -33.98
CA SER C 85 34.11 2.14 -34.75
C SER C 85 33.09 2.86 -33.89
N ASP C 86 32.59 2.22 -32.84
CA ASP C 86 31.72 2.92 -31.89
C ASP C 86 32.51 3.76 -30.91
N ALA C 87 33.77 3.41 -30.66
CA ALA C 87 34.55 4.12 -29.67
C ALA C 87 35.20 5.38 -30.24
N VAL C 88 35.64 5.33 -31.49
CA VAL C 88 36.53 6.38 -32.02
C VAL C 88 35.84 7.74 -32.07
N SER C 89 34.51 7.77 -32.21
CA SER C 89 33.79 9.04 -32.18
C SER C 89 33.34 9.43 -30.78
N HIS C 90 33.53 8.55 -29.79
CA HIS C 90 33.04 8.78 -28.43
C HIS C 90 34.19 8.62 -27.43
N THR C 91 35.24 9.41 -27.60
CA THR C 91 36.28 9.49 -26.57
C THR C 91 35.85 10.50 -25.52
N GLY C 92 36.33 10.32 -24.27
CA GLY C 92 35.94 11.19 -23.17
C GLY C 92 35.62 10.39 -21.90
N ASN C 93 35.02 11.08 -20.92
CA ASN C 93 34.63 10.51 -19.63
C ASN C 93 33.46 9.51 -19.81
N TYR C 94 33.64 8.26 -19.41
CA TYR C 94 32.49 7.35 -19.26
C TYR C 94 32.20 7.14 -17.77
N THR C 95 30.92 7.01 -17.42
CA THR C 95 30.50 6.72 -16.05
C THR C 95 29.86 5.35 -15.96
N CYS C 96 30.34 4.54 -15.03
CA CYS C 96 29.81 3.20 -14.76
C CYS C 96 29.01 3.25 -13.46
N GLU C 97 27.72 2.95 -13.54
CA GLU C 97 26.84 2.93 -12.37
C GLU C 97 26.37 1.50 -12.14
N VAL C 98 26.63 0.97 -10.95
CA VAL C 98 26.21 -0.37 -10.57
C VAL C 98 25.29 -0.26 -9.36
N THR C 99 24.13 -0.90 -9.44
CA THR C 99 23.13 -0.84 -8.39
C THR C 99 22.73 -2.26 -8.00
N GLU C 100 22.75 -2.56 -6.71
CA GLU C 100 22.25 -3.81 -6.15
C GLU C 100 20.90 -3.56 -5.48
N LEU C 101 20.53 -4.41 -4.52
CA LEU C 101 19.23 -4.27 -3.88
C LEU C 101 19.17 -3.03 -3.01
N THR C 102 20.20 -2.80 -2.20
CA THR C 102 20.22 -1.71 -1.25
C THR C 102 21.45 -0.84 -1.36
N ARG C 103 22.39 -1.18 -2.24
CA ARG C 103 23.67 -0.52 -2.32
C ARG C 103 23.94 -0.17 -3.77
N GLU C 104 24.79 0.85 -3.98
CA GLU C 104 25.14 1.25 -5.34
C GLU C 104 26.44 2.03 -5.31
N GLY C 105 26.98 2.28 -6.50
CA GLY C 105 28.17 3.11 -6.63
C GLY C 105 28.38 3.45 -8.09
N GLU C 106 29.26 4.43 -8.32
CA GLU C 106 29.62 4.82 -9.66
C GLU C 106 31.09 5.19 -9.72
N THR C 107 31.68 5.02 -10.90
CA THR C 107 33.07 5.40 -11.14
C THR C 107 33.19 5.93 -12.55
N ILE C 108 34.24 6.72 -12.78
CA ILE C 108 34.46 7.42 -14.04
C ILE C 108 35.76 6.95 -14.66
N ILE C 109 35.73 6.70 -15.98
CA ILE C 109 36.90 6.32 -16.75
C ILE C 109 36.93 7.19 -18.00
N GLU C 110 38.09 7.76 -18.32
CA GLU C 110 38.23 8.47 -19.57
C GLU C 110 38.79 7.53 -20.63
N LEU C 111 38.07 7.42 -21.74
CA LEU C 111 38.57 6.68 -22.89
C LEU C 111 39.32 7.62 -23.81
N LYS C 112 40.53 7.25 -24.19
CA LYS C 112 41.37 8.08 -25.04
C LYS C 112 41.80 7.30 -26.27
N TYR C 113 41.92 8.00 -27.39
CA TYR C 113 42.55 7.44 -28.58
C TYR C 113 44.02 7.89 -28.59
N ARG C 114 44.93 6.92 -28.64
CA ARG C 114 46.36 7.18 -28.78
C ARG C 114 46.89 6.34 -29.92
N VAL C 115 48.10 6.66 -30.37
CA VAL C 115 48.80 5.85 -31.37
C VAL C 115 50.28 5.75 -31.04
C1 NAG D . 44.11 -1.61 -25.98
C2 NAG D . 43.34 -1.61 -24.66
C3 NAG D . 44.30 -1.41 -23.47
C4 NAG D . 45.49 -2.35 -23.53
C5 NAG D . 46.16 -2.24 -24.90
C6 NAG D . 47.29 -3.24 -25.08
C7 NAG D . 41.01 -0.81 -24.63
C8 NAG D . 40.12 0.40 -24.66
N2 NAG D . 42.33 -0.57 -24.67
O3 NAG D . 43.57 -1.62 -22.27
O4 NAG D . 46.45 -1.99 -22.55
O5 NAG D . 45.19 -2.52 -25.91
O6 NAG D . 46.83 -4.57 -24.93
O7 NAG D . 40.56 -1.95 -24.59
C1 NAG D . 46.55 -3.05 -21.59
C2 NAG D . 47.82 -2.88 -20.75
C3 NAG D . 47.91 -3.97 -19.69
C4 NAG D . 46.62 -4.06 -18.89
C5 NAG D . 45.41 -4.16 -19.82
C6 NAG D . 44.09 -4.11 -19.09
C7 NAG D . 49.74 -1.82 -21.85
C8 NAG D . 50.92 -2.03 -22.77
N2 NAG D . 48.99 -2.90 -21.60
O3 NAG D . 49.00 -3.71 -18.82
O4 NAG D . 46.64 -5.20 -18.03
O5 NAG D . 45.42 -3.07 -20.74
O6 NAG D . 43.94 -2.90 -18.35
O7 NAG D . 49.49 -0.72 -21.36
C1 NAG E . 19.41 -16.62 -10.73
C2 NAG E . 20.10 -17.98 -10.91
C3 NAG E . 19.58 -18.69 -12.17
C4 NAG E . 18.06 -18.66 -12.24
C5 NAG E . 17.58 -17.23 -12.04
C6 NAG E . 16.08 -17.03 -12.08
C7 NAG E . 22.41 -18.35 -10.12
C8 NAG E . 21.83 -19.21 -9.05
N2 NAG E . 21.54 -17.81 -10.99
O3 NAG E . 20.04 -20.05 -12.15
O4 NAG E . 17.60 -19.15 -13.50
O5 NAG E . 18.02 -16.78 -10.75
O6 NAG E . 15.74 -15.80 -11.44
O7 NAG E . 23.62 -18.17 -10.21
C1 NAG E . 16.53 -20.11 -13.30
C2 NAG E . 15.64 -20.36 -14.54
C3 NAG E . 14.56 -21.41 -14.24
C4 NAG E . 15.10 -22.63 -13.51
C5 NAG E . 15.99 -22.20 -12.35
C6 NAG E . 16.66 -23.35 -11.64
C7 NAG E . 15.44 -18.47 -16.09
C8 NAG E . 14.66 -17.23 -16.43
N2 NAG E . 15.03 -19.14 -15.01
O3 NAG E . 13.96 -21.79 -15.47
O4 NAG E . 14.07 -23.38 -12.87
O5 NAG E . 17.03 -21.33 -12.81
O6 NAG E . 17.66 -23.95 -12.45
O7 NAG E . 16.39 -18.84 -16.77
C1 BMA E . 13.69 -24.46 -13.73
C2 BMA E . 13.04 -25.59 -12.94
C3 BMA E . 12.75 -26.73 -13.91
C4 BMA E . 11.94 -26.26 -15.09
C5 BMA E . 12.51 -25.01 -15.74
C6 BMA E . 11.51 -24.46 -16.75
O2 BMA E . 11.82 -25.13 -12.36
O3 BMA E . 11.95 -27.69 -13.24
O4 BMA E . 11.86 -27.31 -16.07
O5 BMA E . 12.76 -24.03 -14.72
O6 BMA E . 11.79 -23.09 -17.06
C1 MAN E . 12.72 -28.53 -12.34
C2 MAN E . 12.14 -29.94 -12.44
C3 MAN E . 10.90 -30.03 -11.54
C4 MAN E . 11.24 -29.58 -10.09
C5 MAN E . 11.92 -28.19 -10.10
C6 MAN E . 12.44 -27.78 -8.73
O2 MAN E . 13.04 -30.90 -11.93
O3 MAN E . 10.34 -31.34 -11.54
O4 MAN E . 10.05 -29.50 -9.33
O5 MAN E . 13.04 -28.22 -11.01
O6 MAN E . 12.82 -26.41 -8.80
C1 MAN E . 11.55 -22.89 -18.47
C2 MAN E . 11.88 -21.47 -18.88
C3 MAN E . 10.80 -20.48 -18.42
C4 MAN E . 9.41 -21.00 -18.74
C5 MAN E . 9.24 -22.42 -18.25
C6 MAN E . 7.86 -22.96 -18.60
O2 MAN E . 11.98 -21.41 -20.31
O3 MAN E . 11.01 -19.22 -19.06
O4 MAN E . 8.43 -20.17 -18.12
O5 MAN E . 10.23 -23.24 -18.86
O6 MAN E . 7.44 -23.91 -17.62
C1 NAG F . 19.43 -14.96 -18.28
C2 NAG F . 18.90 -15.78 -17.11
C3 NAG F . 19.73 -17.05 -16.93
C4 NAG F . 19.89 -17.81 -18.23
C5 NAG F . 20.37 -16.87 -19.34
C6 NAG F . 20.40 -17.52 -20.71
C7 NAG F . 17.83 -14.33 -15.40
C8 NAG F . 16.58 -14.42 -16.21
N2 NAG F . 18.89 -14.99 -15.89
O3 NAG F . 19.10 -17.88 -15.95
O4 NAG F . 20.85 -18.84 -18.03
O5 NAG F . 19.48 -15.75 -19.45
O6 NAG F . 21.02 -16.68 -21.67
O7 NAG F . 17.89 -13.69 -14.37
C1 NAG F . 20.39 -20.10 -18.54
C2 NAG F . 21.58 -21.03 -18.74
C3 NAG F . 21.12 -22.33 -19.41
C4 NAG F . 19.90 -22.92 -18.72
C5 NAG F . 18.83 -21.85 -18.46
C6 NAG F . 17.68 -22.35 -17.61
C7 NAG F . 23.66 -19.75 -18.99
C8 NAG F . 24.62 -19.13 -19.94
N2 NAG F . 22.61 -20.38 -19.53
O3 NAG F . 22.20 -23.26 -19.35
O4 NAG F . 19.32 -23.92 -19.54
O5 NAG F . 19.41 -20.74 -17.76
O6 NAG F . 18.06 -22.54 -16.25
O7 NAG F . 23.83 -19.71 -17.77
C1 BMA F . 19.21 -25.20 -18.90
C2 BMA F . 19.03 -26.24 -19.98
C3 BMA F . 18.83 -27.62 -19.37
C4 BMA F . 20.04 -27.91 -18.49
C5 BMA F . 20.18 -26.81 -17.44
C6 BMA F . 21.39 -27.06 -16.54
O2 BMA F . 20.20 -26.27 -20.81
O3 BMA F . 18.73 -28.59 -20.41
O4 BMA F . 19.86 -29.17 -17.85
O5 BMA F . 20.33 -25.54 -18.09
O6 BMA F . 22.44 -27.68 -17.29
S SO4 G . 19.03 17.36 -9.68
O1 SO4 G . 17.75 18.06 -9.58
O2 SO4 G . 19.02 16.19 -8.82
O3 SO4 G . 20.10 18.26 -9.26
O4 SO4 G . 19.27 16.96 -11.06
S SO4 H . -6.71 -4.51 29.72
O1 SO4 H . -7.33 -5.26 30.81
O2 SO4 H . -7.74 -3.83 28.93
O3 SO4 H . -5.80 -3.51 30.27
O4 SO4 H . -5.97 -5.43 28.87
C ACT I . 11.87 -17.26 -12.47
O ACT I . 11.06 -17.64 -11.61
OXT ACT I . 11.96 -16.03 -12.65
CH3 ACT I . 12.69 -18.23 -13.23
C ACT J . -1.65 -16.79 10.39
O ACT J . -2.50 -16.41 9.56
OXT ACT J . -0.91 -15.90 10.86
CH3 ACT J . -1.53 -18.22 10.81
C1 NAG K . 40.69 -5.28 -7.17
C2 NAG K . 40.27 -6.68 -7.66
C3 NAG K . 40.94 -7.76 -6.81
C4 NAG K . 42.44 -7.57 -6.79
C5 NAG K . 42.76 -6.16 -6.27
C6 NAG K . 44.24 -5.84 -6.31
C7 NAG K . 38.08 -6.91 -8.76
C8 NAG K . 36.61 -7.08 -8.56
N2 NAG K . 38.82 -6.83 -7.65
O3 NAG K . 40.62 -9.04 -7.35
O4 NAG K . 43.06 -8.53 -5.95
O5 NAG K . 42.12 -5.19 -7.11
O6 NAG K . 44.78 -5.99 -7.62
O7 NAG K . 38.58 -6.85 -9.87
C1 NAG L . 37.33 13.35 -17.33
C2 NAG L . 37.68 14.69 -17.99
C3 NAG L . 38.77 15.39 -17.20
C4 NAG L . 38.31 15.60 -15.76
C5 NAG L . 37.81 14.31 -15.12
C6 NAG L . 37.03 14.58 -13.86
C7 NAG L . 37.50 15.15 -20.38
C8 NAG L . 36.37 16.06 -20.00
N2 NAG L . 38.10 14.51 -19.38
O3 NAG L . 39.05 16.65 -17.82
O4 NAG L . 39.37 16.12 -14.97
O5 NAG L . 36.90 13.58 -15.98
O6 NAG L . 36.16 13.50 -13.54
O7 NAG L . 37.86 15.00 -21.55
C1 GOL M . 35.27 -1.77 -35.28
O1 GOL M . 34.04 -1.64 -35.96
C2 GOL M . 35.77 -3.21 -35.43
O2 GOL M . 37.09 -3.20 -35.92
C3 GOL M . 35.70 -3.94 -34.08
O3 GOL M . 36.48 -3.26 -33.11
C ACT N . 45.13 4.85 -14.54
O ACT N . 44.73 5.31 -13.45
OXT ACT N . 45.03 5.62 -15.52
CH3 ACT N . 45.68 3.46 -14.67
#